data_6CHR
#
_entry.id   6CHR
#
_cell.length_a   165.015
_cell.length_b   256.893
_cell.length_c   137.232
_cell.angle_alpha   90.00
_cell.angle_beta   90.00
_cell.angle_gamma   90.00
#
_symmetry.space_group_name_H-M   'C 2 2 21'
#
loop_
_entity.id
_entity.type
_entity.pdbx_description
1 polymer 'RNA (621-MER)'
2 polymer "RNA (5'-R(P*UP*GP*UP*UP*UP*AP*UP*UP*AP*AP*AP*AP*A)-3')"
3 non-polymer 'MAGNESIUM ION'
4 non-polymer SPERMINE
5 non-polymer 'SODIUM ION'
6 water water
#
loop_
_entity_poly.entity_id
_entity_poly.type
_entity_poly.pdbx_seq_one_letter_code
_entity_poly.pdbx_strand_id
1 'polyribonucleotide'
;GUGCGACAAGAAGUUCAGGAAGGGAUUGAGGUGAAAGUCCUCCUCCCGAAUCGUUCAUGGGAGAGUCUAUCCAGACUUGC
GUAGCGAGUAAUCGCUAGGUGAGAAGCUCUGGAGACAAUGUACCUGCCCUUCAAUUGGAGGUGCCAGGGCUAGGCUUUGU
UCCUAUGGCUAGCGAAAGCGAAUACAGGUUAUUAGGCGUCGUGAAAACAAAACUCUUUCGACAUAAGGGAGAGGCUCGUA
GAUGAGUUACCCUCCUUUUUAUGGGGUAACUGAACGAUCAAUAUCUACCGGCGUAGACUGUGAGCCUAAAGGAAACGAAU
GAAAGUGUCCCUUCCUGGGAACUUGGUAAGCCCAAUAGACUCCCUCUGGGAAACCAGAGGAGGAGUAAGAGCAAUCUUAC
UUAUCGUCUAGUGGGUAAAAGACAUAAUAGGAAGCAAAUGCUUGGUUGUAACGAUCGAGAUAGAAUCUGUUGAUUUAAGC
UGAAAGGCUGCAGACUUAUUAAAUGGGUGUUCUGCUGUAUGGCGUUCGCGCCUAAGCAGCAGAAUGCGUGAGCCGUGUGC
GAUGAAAGUCGCAAGCACGGUUCUGAUGGGGGGAAAACGAGAGAUCGUCUACCUAUCCAACUCAA
;
A
2 'polyribonucleotide' UGUUUAUUAAAAA B
#
loop_
_chem_comp.id
_chem_comp.type
_chem_comp.name
_chem_comp.formula
A RNA linking ADENOSINE-5'-MONOPHOSPHATE 'C10 H14 N5 O7 P'
C RNA linking CYTIDINE-5'-MONOPHOSPHATE 'C9 H14 N3 O8 P'
G RNA linking GUANOSINE-5'-MONOPHOSPHATE 'C10 H14 N5 O8 P'
MG non-polymer 'MAGNESIUM ION' 'Mg 2'
NA non-polymer 'SODIUM ION' 'Na 1'
SPM non-polymer SPERMINE 'C10 H26 N4'
U RNA linking URIDINE-5'-MONOPHOSPHATE 'C9 H13 N2 O9 P'
#
# COMPACT_ATOMS: atom_id res chain seq x y z
MG MG C . 6.76 4.30 1.15
MG MG D . 8.19 1.82 3.42
MG MG E . 11.21 -2.32 -12.18
MG MG F . 1.65 -11.88 -8.48
MG MG G . -9.96 -20.38 -24.69
MG MG H . -14.47 -9.25 -29.95
MG MG I . -7.36 36.69 15.52
MG MG J . -12.27 -30.59 -20.10
MG MG K . -3.89 -20.16 -17.59
MG MG L . 29.50 -11.34 -17.99
MG MG M . 13.94 -14.42 21.01
MG MG N . -3.72 23.61 -12.51
MG MG O . -2.94 -1.08 -41.44
MG MG P . -5.18 -0.40 31.19
MG MG Q . 29.63 -24.17 1.65
MG MG R . 30.05 -28.97 21.00
MG MG S . 34.55 -27.72 8.76
MG MG T . -17.81 -8.25 12.81
MG MG U . -0.01 -37.34 -29.13
MG MG V . -16.50 4.76 19.46
MG MG W . -2.85 3.50 27.97
MG MG X . 12.62 -31.22 14.15
MG MG Y . 7.21 -16.14 -20.39
MG MG Z . -7.20 -5.26 -16.43
MG MG AA . -3.66 30.28 4.19
MG MG BA . 20.84 -11.23 -45.82
MG MG CA . -9.09 6.31 18.01
MG MG DA . -25.89 -9.04 2.72
MG MG EA . 1.02 -3.59 -6.14
MG MG FA . -6.92 5.95 -21.69
MG MG GA . -15.43 -5.80 -23.41
MG MG HA . 40.05 -11.67 18.87
MG MG IA . 4.25 16.74 2.77
MG MG JA . -16.66 45.01 17.49
MG MG KA . -33.45 -15.66 4.93
MG MG LA . 17.36 15.42 -49.57
MG MG MA . 2.34 -20.40 26.21
MG MG NA . 4.38 -23.60 32.24
MG MG OA . 23.05 -12.98 27.14
MG MG PA . 7.60 -31.23 -3.43
N1 SPM QA . -21.12 43.80 11.05
C2 SPM QA . -22.19 43.76 10.06
C3 SPM QA . -21.59 43.65 8.67
C4 SPM QA . -20.83 44.93 8.30
N5 SPM QA . -20.44 44.92 6.90
C6 SPM QA . -19.46 45.88 6.42
C7 SPM QA . -19.67 46.24 4.95
C8 SPM QA . -18.50 47.05 4.39
C9 SPM QA . -17.31 46.14 4.09
N10 SPM QA . -16.16 46.89 3.60
C11 SPM QA . -15.27 46.31 2.61
C12 SPM QA . -15.25 44.79 2.68
C13 SPM QA . -14.54 44.17 1.49
N14 SPM QA . -13.10 44.27 1.66
NA NA RA . -1.77 13.00 15.91
NA NA SA . 4.49 3.63 -1.82
NA NA TA . 8.54 -30.24 11.33
NA NA UA . -21.73 -11.27 -3.10
NA NA VA . 10.09 -14.16 13.51
NA NA WA . -5.50 -14.55 -33.76
NA NA XA . -17.40 1.92 -0.13
NA NA YA . -11.75 12.74 3.96
NA NA ZA . -25.75 -25.51 -33.02
MG MG AB . -2.14 -20.48 -7.01
MG MG BB . -2.07 -6.29 6.35
MG MG CB . -5.07 1.22 -37.32
MG MG DB . 11.32 14.53 -66.96
MG MG EB . -24.14 -7.09 8.96
MG MG FB . 5.99 -24.61 35.80
MG MG GB . 3.71 -28.35 -5.43
MG MG HB . 27.71 -47.11 27.56
MG MG IB . 14.15 -5.16 -0.78
MG MG JB . -6.54 -1.60 -1.75
MG MG KB . 4.55 -12.62 14.68
MG MG LB . -1.66 -4.89 -8.93
MG MG MB . 0.07 -42.35 39.76
MG MG NB . 8.25 -12.61 -15.27
MG MG OB . -20.10 7.06 11.58
MG MG PB . 12.88 22.72 -74.31
MG MG QB . 10.50 -32.22 7.55
MG MG RB . -18.03 -10.70 -52.72
MG MG SB . 0.36 -10.46 -35.76
MG MG TB . -1.61 -3.19 32.77
MG MG UB . -0.10 0.17 15.71
MG MG VB . -13.43 9.31 17.79
MG MG WB . 15.81 -16.76 -0.46
MG MG XB . -3.86 -6.42 15.18
MG MG YB . 33.21 -18.59 20.77
MG MG ZB . -25.18 -26.36 -11.18
MG MG AC . 29.03 -53.48 29.08
MG MG BC . 12.98 22.65 -25.93
MG MG CC . 29.69 -11.90 -8.34
MG MG DC . 15.26 -43.13 13.02
MG MG EC . -5.41 21.69 35.44
MG MG FC . -18.55 10.14 21.91
MG MG GC . 18.23 13.77 -59.59
MG MG HC . 13.60 37.38 -49.67
MG MG IC . 23.84 12.76 54.74
MG MG JC . 12.36 -46.58 25.73
MG MG KC . 12.85 -15.79 17.22
MG MG LC . 3.29 -1.60 10.91
MG MG MC . -19.32 -11.63 -26.09
MG MG NC . 24.30 11.73 22.87
MG MG OC . 21.29 3.03 6.69
MG MG PC . 27.21 17.19 13.94
#